data_1VMO
#
_entry.id   1VMO
#
_cell.length_a   62.420
_cell.length_b   110.510
_cell.length_c   44.150
_cell.angle_alpha   90.00
_cell.angle_beta   90.00
_cell.angle_gamma   90.00
#
_symmetry.space_group_name_H-M   'P 21 21 21'
#
loop_
_entity.id
_entity.type
_entity.pdbx_description
1 polymer 'VITELLINE MEMBRANE OUTER LAYER PROTEIN I'
2 water water
#
_entity_poly.entity_id   1
_entity_poly.type   'polypeptide(L)'
_entity_poly.pdbx_seq_one_letter_code
;RTREYTSVITVPNGGHWGKWGIRQFCHSGYANGFALKVEPSQFGRDDTALNGIRLRCLDGSVIESLVGKWGTWTSFLVCP
TGYLVSFSLRSEKSQGGGDDTAANNIQFRCSDEAVLVGDGLSWGRFGPWSKRCKICGLQTKVESPQGLRDDTALNNVRFF
CCK
;
_entity_poly.pdbx_strand_id   A,B
#
# COMPACT_ATOMS: atom_id res chain seq x y z
N ARG A 1 14.94 -0.23 7.04
CA ARG A 1 14.17 -1.05 8.04
C ARG A 1 15.01 -2.24 8.43
N THR A 2 14.74 -2.80 9.60
CA THR A 2 15.49 -3.95 10.03
C THR A 2 14.82 -5.17 9.42
N ARG A 3 13.65 -5.57 9.91
CA ARG A 3 12.98 -6.73 9.35
C ARG A 3 12.41 -6.36 7.99
N GLU A 4 12.57 -7.27 7.04
CA GLU A 4 12.06 -7.07 5.69
C GLU A 4 10.59 -7.47 5.63
N TYR A 5 9.81 -6.74 4.85
CA TYR A 5 8.39 -6.97 4.66
C TYR A 5 8.08 -6.80 3.18
N THR A 6 6.95 -7.32 2.75
CA THR A 6 6.56 -7.26 1.34
C THR A 6 5.61 -6.12 0.93
N SER A 7 4.77 -5.67 1.87
CA SER A 7 3.83 -4.61 1.59
C SER A 7 3.31 -3.95 2.86
N VAL A 8 2.46 -2.95 2.68
CA VAL A 8 1.89 -2.22 3.81
C VAL A 8 0.38 -2.31 3.64
N ILE A 9 -0.31 -2.44 4.75
CA ILE A 9 -1.75 -2.55 4.74
C ILE A 9 -2.26 -1.32 5.46
N THR A 10 -3.19 -0.64 4.80
CA THR A 10 -3.74 0.60 5.29
C THR A 10 -5.26 0.57 5.10
N VAL A 11 -5.94 1.60 5.60
CA VAL A 11 -7.41 1.74 5.51
C VAL A 11 -7.65 3.22 5.07
N PRO A 12 -8.75 3.54 4.35
CA PRO A 12 -9.08 4.91 3.88
C PRO A 12 -9.73 5.96 4.76
N ASN A 13 -10.23 5.55 5.94
CA ASN A 13 -10.83 6.45 6.91
C ASN A 13 -9.73 6.67 7.95
N GLY A 14 -9.94 7.46 8.99
CA GLY A 14 -8.81 7.64 9.88
C GLY A 14 -8.08 8.94 9.52
N GLY A 15 -7.67 9.66 10.57
CA GLY A 15 -7.04 10.96 10.44
C GLY A 15 -5.77 11.18 9.67
N HIS A 16 -5.38 12.45 9.60
CA HIS A 16 -4.18 12.82 8.88
C HIS A 16 -3.28 13.79 9.66
N TRP A 17 -3.70 14.13 10.87
CA TRP A 17 -2.93 15.03 11.71
C TRP A 17 -2.15 14.18 12.73
N GLY A 18 -0.90 14.54 12.95
CA GLY A 18 -0.07 13.82 13.90
C GLY A 18 1.22 13.41 13.24
N LYS A 19 2.13 12.84 14.01
CA LYS A 19 3.38 12.41 13.42
C LYS A 19 3.45 10.88 13.36
N TRP A 20 3.97 10.33 12.26
CA TRP A 20 4.11 8.89 12.17
C TRP A 20 5.24 8.58 13.15
N GLY A 21 5.12 7.47 13.89
CA GLY A 21 6.14 7.04 14.84
C GLY A 21 7.13 6.09 14.18
N ILE A 22 7.91 5.36 14.97
CA ILE A 22 8.85 4.41 14.39
C ILE A 22 8.12 3.13 14.04
N ARG A 23 8.55 2.51 12.97
CA ARG A 23 7.99 1.25 12.50
C ARG A 23 8.56 0.11 13.36
N GLN A 24 7.69 -0.60 14.08
CA GLN A 24 8.11 -1.73 14.91
C GLN A 24 7.61 -3.05 14.30
N PHE A 25 8.38 -4.13 14.49
CA PHE A 25 8.06 -5.42 13.94
C PHE A 25 8.27 -6.50 14.97
N CYS A 26 7.68 -7.68 14.72
CA CYS A 26 7.87 -8.85 15.59
C CYS A 26 9.24 -9.32 15.17
N HIS A 27 10.05 -9.81 16.10
CA HIS A 27 11.37 -10.24 15.67
C HIS A 27 11.25 -11.37 14.67
N SER A 28 10.32 -12.28 14.93
CA SER A 28 10.12 -13.43 14.06
C SER A 28 8.63 -13.68 13.98
N GLY A 29 8.18 -14.18 12.84
CA GLY A 29 6.77 -14.48 12.67
C GLY A 29 5.82 -13.31 12.52
N TYR A 30 4.58 -13.53 12.96
CA TYR A 30 3.50 -12.55 12.86
C TYR A 30 2.88 -12.21 14.21
N ALA A 31 1.94 -11.29 14.21
CA ALA A 31 1.31 -10.93 15.44
C ALA A 31 -0.03 -11.66 15.44
N ASN A 32 -0.51 -12.09 16.58
CA ASN A 32 -1.78 -12.80 16.62
C ASN A 32 -2.69 -12.23 17.68
N GLY A 33 -2.47 -10.97 18.05
CA GLY A 33 -3.28 -10.34 19.08
C GLY A 33 -2.94 -8.87 19.25
N PHE A 34 -3.78 -8.14 19.98
CA PHE A 34 -3.56 -6.71 20.18
C PHE A 34 -4.29 -6.20 21.43
N ALA A 35 -3.79 -5.11 21.98
CA ALA A 35 -4.40 -4.45 23.13
C ALA A 35 -4.55 -2.96 22.76
N LEU A 36 -5.30 -2.21 23.54
CA LEU A 36 -5.49 -0.78 23.26
C LEU A 36 -5.33 0.11 24.48
N LYS A 37 -4.77 1.31 24.28
CA LYS A 37 -4.58 2.29 25.36
C LYS A 37 -5.77 3.21 25.23
N VAL A 38 -6.79 2.94 26.01
CA VAL A 38 -8.05 3.65 25.95
C VAL A 38 -8.43 4.13 27.34
N GLU A 39 -9.29 5.14 27.40
CA GLU A 39 -9.77 5.70 28.65
C GLU A 39 -10.90 4.81 29.23
N PRO A 40 -10.83 4.47 30.55
CA PRO A 40 -11.81 3.64 31.27
C PRO A 40 -13.25 4.04 30.94
N SER A 41 -14.10 3.03 30.72
CA SER A 41 -15.50 3.23 30.35
C SER A 41 -16.32 3.89 31.44
N GLN A 42 -16.02 5.16 31.68
CA GLN A 42 -16.73 5.95 32.69
C GLN A 42 -17.41 7.11 31.97
N PHE A 43 -18.34 7.77 32.64
CA PHE A 43 -19.05 8.89 32.04
C PHE A 43 -18.63 10.25 32.63
N GLY A 44 -18.88 11.31 31.86
CA GLY A 44 -18.55 12.65 32.32
C GLY A 44 -17.39 13.24 31.56
N ARG A 45 -16.22 12.62 31.71
CA ARG A 45 -15.01 13.07 31.04
C ARG A 45 -15.36 13.04 29.55
N ASP A 46 -15.24 14.18 28.86
CA ASP A 46 -15.60 14.19 27.44
C ASP A 46 -14.87 13.07 26.70
N ASP A 47 -15.53 12.57 25.67
CA ASP A 47 -14.94 11.52 24.86
C ASP A 47 -13.74 12.10 24.13
N THR A 48 -12.73 11.27 23.93
CA THR A 48 -11.53 11.70 23.23
C THR A 48 -11.15 10.65 22.20
N ALA A 49 -10.03 9.97 22.39
CA ALA A 49 -9.62 8.96 21.42
C ALA A 49 -8.67 7.90 21.96
N LEU A 50 -8.37 6.93 21.10
CA LEU A 50 -7.44 5.87 21.44
C LEU A 50 -6.10 6.54 21.62
N ASN A 51 -5.24 5.95 22.45
CA ASN A 51 -3.92 6.51 22.64
C ASN A 51 -2.88 5.49 22.21
N GLY A 52 -3.34 4.33 21.75
CA GLY A 52 -2.38 3.34 21.32
C GLY A 52 -2.91 1.96 20.97
N ILE A 53 -2.15 1.27 20.14
CA ILE A 53 -2.45 -0.08 19.73
C ILE A 53 -1.14 -0.78 20.05
N ARG A 54 -1.24 -2.02 20.48
CA ARG A 54 -0.08 -2.79 20.83
C ARG A 54 -0.40 -4.20 20.33
N LEU A 55 0.54 -4.80 19.60
CA LEU A 55 0.35 -6.15 19.09
C LEU A 55 1.18 -7.13 19.90
N ARG A 56 0.73 -8.38 19.92
CA ARG A 56 1.43 -9.47 20.60
C ARG A 56 1.84 -10.32 19.42
N CYS A 57 3.09 -10.76 19.40
CA CYS A 57 3.58 -11.61 18.33
C CYS A 57 3.67 -13.02 18.90
N LEU A 58 3.34 -14.03 18.11
CA LEU A 58 3.35 -15.40 18.62
C LEU A 58 4.64 -15.83 19.28
N ASP A 59 5.65 -14.98 19.19
CA ASP A 59 6.93 -15.26 19.81
C ASP A 59 7.03 -14.49 21.12
N GLY A 60 5.88 -14.31 21.78
CA GLY A 60 5.85 -13.59 23.04
C GLY A 60 6.29 -12.12 23.06
N SER A 61 6.88 -11.61 21.98
CA SER A 61 7.30 -10.23 21.97
C SER A 61 6.10 -9.31 21.71
N VAL A 62 6.16 -8.13 22.30
CA VAL A 62 5.09 -7.15 22.20
C VAL A 62 5.62 -5.86 21.58
N ILE A 63 4.87 -5.29 20.63
CA ILE A 63 5.28 -4.06 19.96
C ILE A 63 4.13 -3.08 19.89
N GLU A 64 4.48 -1.81 19.80
CA GLU A 64 3.52 -0.72 19.71
C GLU A 64 4.25 0.22 18.79
N SER A 65 3.84 1.45 18.70
CA SER A 65 4.66 2.32 17.87
C SER A 65 4.83 3.56 18.72
N LEU A 66 4.18 4.66 18.34
CA LEU A 66 4.22 5.91 19.10
C LEU A 66 2.94 5.85 19.92
N VAL A 67 3.02 6.04 21.23
CA VAL A 67 1.81 5.97 22.02
C VAL A 67 1.51 7.30 22.68
N GLY A 68 0.24 7.52 22.96
CA GLY A 68 -0.20 8.70 23.66
C GLY A 68 0.03 8.43 25.15
N LYS A 69 -0.04 9.45 25.98
CA LYS A 69 0.21 9.28 27.41
C LYS A 69 -1.02 9.01 28.25
N TRP A 70 -2.20 9.15 27.67
CA TRP A 70 -3.42 8.94 28.41
C TRP A 70 -4.10 7.59 28.18
N GLY A 71 -5.05 7.26 29.07
CA GLY A 71 -5.78 6.00 29.02
C GLY A 71 -5.01 4.87 29.68
N THR A 72 -5.59 3.68 29.68
CA THR A 72 -4.93 2.51 30.27
C THR A 72 -4.98 1.42 29.22
N TRP A 73 -4.10 0.43 29.35
CA TRP A 73 -4.02 -0.69 28.42
C TRP A 73 -5.01 -1.80 28.77
N THR A 74 -5.75 -2.29 27.78
CA THR A 74 -6.70 -3.37 28.00
C THR A 74 -5.97 -4.70 27.92
N SER A 75 -6.62 -5.78 28.33
CA SER A 75 -5.96 -7.07 28.22
C SER A 75 -5.91 -7.34 26.73
N PHE A 76 -5.13 -8.31 26.33
CA PHE A 76 -5.06 -8.61 24.92
C PHE A 76 -6.24 -9.43 24.47
N LEU A 77 -6.54 -9.30 23.19
CA LEU A 77 -7.60 -10.01 22.53
C LEU A 77 -6.77 -10.84 21.53
N VAL A 78 -6.70 -12.15 21.71
CA VAL A 78 -5.90 -13.00 20.84
C VAL A 78 -6.64 -13.88 19.81
N CYS A 79 -5.98 -14.17 18.71
CA CYS A 79 -6.56 -15.00 17.66
C CYS A 79 -6.74 -16.43 18.18
N PRO A 80 -7.95 -16.97 17.98
CA PRO A 80 -8.25 -18.32 18.44
C PRO A 80 -7.23 -19.27 17.87
N THR A 81 -6.89 -19.04 16.61
CA THR A 81 -5.97 -19.92 15.94
C THR A 81 -4.86 -19.27 15.10
N GLY A 82 -5.17 -18.47 14.10
CA GLY A 82 -4.03 -18.03 13.30
C GLY A 82 -3.24 -16.86 13.78
N TYR A 83 -3.13 -15.90 12.87
CA TYR A 83 -2.45 -14.66 13.13
C TYR A 83 -3.34 -13.58 12.52
N LEU A 84 -3.09 -12.30 12.82
CA LEU A 84 -3.87 -11.20 12.29
C LEU A 84 -3.64 -11.02 10.80
N VAL A 85 -4.69 -10.70 10.04
CA VAL A 85 -4.51 -10.54 8.60
C VAL A 85 -5.18 -9.30 8.01
N SER A 86 -6.19 -8.78 8.67
CA SER A 86 -6.88 -7.62 8.12
C SER A 86 -7.44 -6.79 9.30
N PHE A 87 -7.60 -5.47 9.13
CA PHE A 87 -8.15 -4.63 10.19
C PHE A 87 -9.17 -3.66 9.62
N SER A 88 -10.05 -3.18 10.47
CA SER A 88 -11.08 -2.21 10.08
C SER A 88 -11.05 -1.15 11.18
N LEU A 89 -11.23 0.10 10.82
CA LEU A 89 -11.19 1.13 11.80
C LEU A 89 -12.56 1.80 12.00
N ARG A 90 -12.86 2.14 13.24
CA ARG A 90 -14.12 2.83 13.58
C ARG A 90 -13.78 4.32 13.78
N SER A 91 -14.37 5.18 12.98
CA SER A 91 -14.12 6.60 13.08
C SER A 91 -15.33 7.38 12.60
N GLU A 92 -15.56 8.56 13.17
CA GLU A 92 -16.67 9.39 12.75
C GLU A 92 -16.22 10.15 11.50
N LYS A 93 -17.17 10.69 10.74
CA LYS A 93 -16.82 11.46 9.54
C LYS A 93 -16.41 12.87 10.04
N SER A 94 -15.97 13.74 9.15
CA SER A 94 -15.55 15.07 9.59
C SER A 94 -16.23 16.18 8.78
N GLN A 95 -15.43 17.21 8.46
CA GLN A 95 -15.85 18.36 7.64
C GLN A 95 -14.52 18.97 7.15
N GLY A 96 -14.57 20.14 6.54
CA GLY A 96 -13.34 20.75 6.07
C GLY A 96 -12.27 20.97 7.13
N GLY A 97 -12.59 21.77 8.14
CA GLY A 97 -11.64 22.06 9.18
C GLY A 97 -11.62 21.02 10.28
N GLY A 98 -12.65 21.03 11.11
CA GLY A 98 -12.74 20.07 12.21
C GLY A 98 -12.72 18.65 11.67
N ASP A 99 -11.49 18.17 11.46
CA ASP A 99 -11.25 16.85 10.94
C ASP A 99 -11.34 15.79 12.05
N ASP A 100 -12.43 15.85 12.82
CA ASP A 100 -12.67 14.88 13.88
C ASP A 100 -12.76 13.56 13.16
N THR A 101 -11.61 12.92 13.01
CA THR A 101 -11.55 11.64 12.35
C THR A 101 -10.42 10.84 12.95
N ALA A 102 -10.29 10.91 14.27
CA ALA A 102 -9.28 10.12 14.94
C ALA A 102 -9.87 8.69 14.97
N ALA A 103 -9.05 7.72 15.33
CA ALA A 103 -9.44 6.33 15.42
C ALA A 103 -10.14 6.09 16.76
N ASN A 104 -11.37 5.63 16.71
CA ASN A 104 -12.11 5.34 17.93
C ASN A 104 -12.00 3.89 18.40
N ASN A 105 -11.91 2.96 17.46
CA ASN A 105 -11.81 1.52 17.79
C ASN A 105 -11.22 0.81 16.59
N ILE A 106 -10.87 -0.45 16.76
CA ILE A 106 -10.30 -1.21 15.67
C ILE A 106 -10.76 -2.68 15.81
N GLN A 107 -10.94 -3.35 14.68
CA GLN A 107 -11.34 -4.75 14.70
C GLN A 107 -10.42 -5.45 13.72
N PHE A 108 -9.99 -6.64 14.07
CA PHE A 108 -9.11 -7.39 13.21
C PHE A 108 -9.74 -8.70 12.78
N ARG A 109 -9.26 -9.23 11.67
CA ARG A 109 -9.68 -10.53 11.18
C ARG A 109 -8.42 -11.41 11.28
N CYS A 110 -8.58 -12.60 11.85
CA CYS A 110 -7.47 -13.53 11.99
C CYS A 110 -7.48 -14.41 10.80
N SER A 111 -6.43 -15.23 10.65
CA SER A 111 -6.30 -16.16 9.52
C SER A 111 -7.35 -17.27 9.50
N ASP A 112 -7.94 -17.58 10.65
CA ASP A 112 -8.97 -18.61 10.70
C ASP A 112 -10.37 -18.00 10.51
N GLU A 113 -10.41 -16.72 10.15
CA GLU A 113 -11.64 -15.98 9.93
C GLU A 113 -12.32 -15.41 11.18
N ALA A 114 -11.74 -15.64 12.36
CA ALA A 114 -12.32 -15.08 13.58
C ALA A 114 -12.23 -13.52 13.50
N VAL A 115 -13.17 -12.82 14.11
CA VAL A 115 -13.12 -11.36 14.09
C VAL A 115 -12.98 -10.91 15.53
N LEU A 116 -12.00 -10.05 15.80
CA LEU A 116 -11.78 -9.58 17.17
C LEU A 116 -12.01 -8.08 17.25
N VAL A 117 -13.05 -7.66 17.97
CA VAL A 117 -13.32 -6.23 18.07
C VAL A 117 -12.78 -5.66 19.37
N GLY A 118 -11.89 -4.68 19.23
CA GLY A 118 -11.27 -4.06 20.38
C GLY A 118 -12.30 -3.44 21.29
N ASP A 119 -11.96 -3.32 22.56
CA ASP A 119 -12.95 -2.70 23.38
C ASP A 119 -12.64 -1.21 23.57
N GLY A 120 -13.04 -0.43 22.56
CA GLY A 120 -12.79 1.01 22.55
C GLY A 120 -14.00 1.92 22.66
N LEU A 121 -13.94 3.01 21.90
CA LEU A 121 -14.99 4.01 21.85
C LEU A 121 -15.93 3.55 20.77
N SER A 122 -17.22 3.83 20.93
CA SER A 122 -18.15 3.38 19.94
C SER A 122 -18.87 4.51 19.22
N TRP A 123 -18.14 5.59 18.99
CA TRP A 123 -18.68 6.74 18.31
C TRP A 123 -18.05 6.70 16.92
N GLY A 124 -18.87 6.79 15.89
CA GLY A 124 -18.37 6.73 14.53
C GLY A 124 -18.77 5.42 13.86
N ARG A 125 -18.18 5.12 12.71
CA ARG A 125 -18.51 3.92 11.98
C ARG A 125 -17.28 3.12 11.54
N PHE A 126 -17.41 1.81 11.40
CA PHE A 126 -16.28 0.99 10.90
C PHE A 126 -16.20 1.20 9.39
N GLY A 127 -15.01 1.52 8.91
CA GLY A 127 -14.85 1.70 7.48
C GLY A 127 -14.48 0.37 6.86
N PRO A 128 -14.16 0.38 5.57
CA PRO A 128 -13.79 -0.84 4.85
C PRO A 128 -12.58 -1.56 5.41
N TRP A 129 -12.57 -2.87 5.25
CA TRP A 129 -11.47 -3.70 5.72
C TRP A 129 -10.27 -3.44 4.84
N SER A 130 -9.08 -3.48 5.43
CA SER A 130 -7.87 -3.28 4.68
C SER A 130 -7.71 -4.59 3.91
N LYS A 131 -6.68 -4.66 3.05
CA LYS A 131 -6.42 -5.88 2.30
C LYS A 131 -5.84 -6.87 3.31
N ARG A 132 -5.71 -8.12 2.89
CA ARG A 132 -5.21 -9.18 3.77
C ARG A 132 -3.78 -9.55 3.50
N CYS A 133 -3.05 -9.85 4.58
CA CYS A 133 -1.67 -10.25 4.49
C CYS A 133 -1.30 -10.79 5.85
N LYS A 134 -0.05 -11.19 6.02
CA LYS A 134 0.41 -11.72 7.29
C LYS A 134 1.11 -10.59 8.05
N ILE A 135 0.36 -10.01 8.98
CA ILE A 135 0.80 -8.90 9.79
C ILE A 135 1.98 -9.24 10.70
N CYS A 136 3.08 -8.50 10.50
CA CYS A 136 4.33 -8.66 11.26
C CYS A 136 4.88 -7.38 11.90
N GLY A 137 4.24 -6.24 11.65
CA GLY A 137 4.70 -5.00 12.26
C GLY A 137 3.63 -3.95 12.11
N LEU A 138 3.85 -2.78 12.72
CA LEU A 138 2.89 -1.67 12.64
C LEU A 138 3.61 -0.33 12.76
N GLN A 139 2.88 0.74 12.45
CA GLN A 139 3.36 2.11 12.56
C GLN A 139 2.12 2.94 12.88
N THR A 140 2.23 3.83 13.86
CA THR A 140 1.11 4.68 14.28
C THR A 140 1.33 6.18 14.08
N LYS A 141 0.26 6.88 13.71
CA LYS A 141 0.25 8.32 13.51
C LYS A 141 -0.56 8.85 14.68
N VAL A 142 0.13 9.54 15.60
CA VAL A 142 -0.47 10.08 16.82
C VAL A 142 -0.32 11.60 16.92
N GLU A 143 -1.41 12.30 17.18
CA GLU A 143 -1.40 13.75 17.33
C GLU A 143 -1.12 14.13 18.77
N SER A 144 -0.05 14.91 18.94
CA SER A 144 0.46 15.40 20.22
C SER A 144 0.49 14.31 21.27
N PRO A 145 1.44 13.38 21.15
CA PRO A 145 1.56 12.27 22.10
C PRO A 145 1.77 12.66 23.56
N GLN A 146 2.62 13.65 23.76
CA GLN A 146 2.94 14.13 25.10
C GLN A 146 2.05 15.28 25.52
N GLY A 147 1.04 15.59 24.70
CA GLY A 147 0.13 16.67 24.97
C GLY A 147 -0.92 16.44 26.04
N LEU A 148 -1.91 17.31 26.11
CA LEU A 148 -2.94 17.14 27.13
C LEU A 148 -3.95 16.13 26.60
N ARG A 149 -4.74 15.58 27.51
CA ARG A 149 -5.77 14.63 27.16
C ARG A 149 -6.60 15.23 26.04
N ASP A 150 -6.64 16.56 26.02
CA ASP A 150 -7.42 17.29 25.04
C ASP A 150 -7.23 16.91 23.56
N ASP A 151 -6.05 17.16 22.97
CA ASP A 151 -5.89 16.85 21.53
C ASP A 151 -4.95 15.70 21.16
N THR A 152 -4.56 14.90 22.16
CA THR A 152 -3.72 13.73 21.92
C THR A 152 -4.69 12.68 21.36
N ALA A 153 -4.37 12.11 20.20
CA ALA A 153 -5.22 11.09 19.60
C ALA A 153 -4.49 10.32 18.56
N LEU A 154 -4.74 9.02 18.49
CA LEU A 154 -4.12 8.17 17.49
C LEU A 154 -5.01 8.45 16.28
N ASN A 155 -4.41 9.01 15.24
CA ASN A 155 -5.12 9.39 14.03
C ASN A 155 -5.18 8.30 12.96
N ASN A 156 -4.07 7.59 12.77
CA ASN A 156 -3.99 6.53 11.77
C ASN A 156 -3.01 5.45 12.21
N VAL A 157 -3.04 4.32 11.48
CA VAL A 157 -2.16 3.17 11.74
C VAL A 157 -1.96 2.44 10.43
N ARG A 158 -0.82 1.78 10.29
CA ARG A 158 -0.55 0.97 9.11
C ARG A 158 0.28 -0.19 9.59
N PHE A 159 0.01 -1.34 9.00
CA PHE A 159 0.69 -2.56 9.37
C PHE A 159 1.53 -3.02 8.21
N PHE A 160 2.59 -3.75 8.51
CA PHE A 160 3.46 -4.24 7.48
C PHE A 160 3.22 -5.73 7.35
N CYS A 161 3.44 -6.26 6.15
CA CYS A 161 3.22 -7.68 5.86
C CYS A 161 4.51 -8.43 5.59
N CYS A 162 4.57 -9.67 6.07
CA CYS A 162 5.75 -10.52 5.87
C CYS A 162 5.43 -11.77 5.04
N LYS A 163 6.49 -12.43 4.58
CA LYS A 163 6.42 -13.64 3.74
C LYS A 163 5.74 -14.79 4.48
N ARG B 1 21.88 -0.31 -22.14
CA ARG B 1 22.87 -0.71 -23.19
C ARG B 1 23.25 -2.17 -23.02
N THR B 2 24.22 -2.44 -22.15
CA THR B 2 24.72 -3.77 -21.84
C THR B 2 24.11 -4.95 -22.59
N ARG B 3 22.79 -5.15 -22.46
CA ARG B 3 22.09 -6.25 -23.10
C ARG B 3 21.50 -5.99 -24.50
N GLU B 4 21.64 -6.98 -25.39
CA GLU B 4 21.14 -6.88 -26.77
C GLU B 4 19.63 -7.12 -26.86
N TYR B 5 18.84 -6.06 -26.78
CA TYR B 5 17.40 -6.22 -26.89
C TYR B 5 17.03 -6.38 -28.37
N THR B 6 16.20 -7.38 -28.66
CA THR B 6 15.76 -7.73 -29.98
C THR B 6 14.77 -6.73 -30.56
N SER B 7 13.79 -6.33 -29.74
CA SER B 7 12.79 -5.38 -30.17
C SER B 7 12.06 -4.87 -28.94
N VAL B 8 11.14 -3.92 -29.11
CA VAL B 8 10.42 -3.36 -27.98
C VAL B 8 8.90 -3.34 -28.16
N ILE B 9 8.23 -3.61 -27.06
CA ILE B 9 6.78 -3.70 -26.96
C ILE B 9 6.14 -2.43 -26.34
N THR B 10 5.08 -1.93 -26.97
CA THR B 10 4.39 -0.74 -26.44
C THR B 10 2.90 -0.97 -26.55
N VAL B 11 2.13 0.05 -26.18
CA VAL B 11 0.67 -0.01 -26.21
C VAL B 11 0.12 1.29 -26.79
N PRO B 12 -1.00 1.23 -27.51
CA PRO B 12 -1.59 2.42 -28.11
C PRO B 12 -2.15 3.53 -27.20
N ASN B 13 -2.55 3.20 -25.97
CA ASN B 13 -3.06 4.21 -25.03
C ASN B 13 -1.92 4.71 -24.08
N GLY B 14 -2.24 5.48 -23.07
CA GLY B 14 -1.19 5.96 -22.19
C GLY B 14 -0.56 7.28 -22.59
N GLY B 15 -0.39 8.14 -21.58
CA GLY B 15 0.17 9.49 -21.74
C GLY B 15 1.25 9.78 -22.76
N HIS B 16 1.31 11.07 -23.11
CA HIS B 16 2.26 11.55 -24.10
C HIS B 16 3.35 12.41 -23.48
N TRP B 17 3.07 12.99 -22.32
CA TRP B 17 4.02 13.85 -21.65
C TRP B 17 4.85 13.17 -20.60
N GLY B 18 5.83 13.88 -20.08
CA GLY B 18 6.72 13.31 -19.09
C GLY B 18 8.02 12.90 -19.74
N LYS B 19 9.05 12.67 -18.93
CA LYS B 19 10.36 12.29 -19.46
C LYS B 19 10.65 10.81 -19.35
N TRP B 20 11.23 10.24 -20.41
CA TRP B 20 11.59 8.84 -20.41
C TRP B 20 12.80 8.71 -19.49
N GLY B 21 12.83 7.64 -18.71
CA GLY B 21 13.95 7.43 -17.83
C GLY B 21 14.99 6.56 -18.48
N ILE B 22 15.87 6.00 -17.68
CA ILE B 22 16.91 5.13 -18.17
C ILE B 22 16.24 3.79 -18.47
N ARG B 23 16.91 2.90 -19.17
CA ARG B 23 16.32 1.63 -19.44
C ARG B 23 17.15 0.61 -18.74
N GLN B 24 16.49 -0.20 -17.92
CA GLN B 24 17.14 -1.23 -17.17
C GLN B 24 16.74 -2.56 -17.75
N PHE B 25 17.63 -3.55 -17.64
CA PHE B 25 17.37 -4.89 -18.14
C PHE B 25 17.73 -5.86 -17.03
N CYS B 26 17.28 -7.09 -17.16
CA CYS B 26 17.66 -8.14 -16.22
C CYS B 26 19.02 -8.48 -16.79
N HIS B 27 20.04 -8.70 -15.97
CA HIS B 27 21.37 -9.02 -16.48
C HIS B 27 21.31 -10.20 -17.47
N SER B 28 20.42 -11.14 -17.20
CA SER B 28 20.23 -12.33 -18.02
C SER B 28 18.86 -12.92 -17.75
N GLY B 29 18.32 -13.66 -18.71
CA GLY B 29 17.02 -14.24 -18.49
C GLY B 29 15.93 -13.28 -18.85
N TYR B 30 14.77 -13.44 -18.24
CA TYR B 30 13.65 -12.58 -18.54
C TYR B 30 12.97 -12.21 -17.23
N ALA B 31 11.99 -11.32 -17.30
CA ALA B 31 11.25 -10.90 -16.13
C ALA B 31 10.06 -11.82 -16.02
N ASN B 32 9.75 -12.25 -14.80
CA ASN B 32 8.60 -13.09 -14.56
C ASN B 32 7.68 -12.49 -13.53
N GLY B 33 7.83 -11.22 -13.20
CA GLY B 33 6.95 -10.61 -12.21
C GLY B 33 7.05 -9.08 -12.12
N PHE B 34 6.09 -8.45 -11.42
CA PHE B 34 6.07 -6.99 -11.25
C PHE B 34 5.37 -6.58 -9.97
N ALA B 35 5.54 -5.29 -9.63
CA ALA B 35 4.97 -4.62 -8.45
C ALA B 35 4.71 -3.17 -8.88
N LEU B 36 3.78 -2.49 -8.22
CA LEU B 36 3.47 -1.12 -8.59
C LEU B 36 3.67 -0.21 -7.41
N LYS B 37 4.07 1.03 -7.68
CA LYS B 37 4.22 2.00 -6.62
C LYS B 37 2.99 2.86 -6.76
N VAL B 38 2.18 2.89 -5.72
CA VAL B 38 0.96 3.66 -5.81
C VAL B 38 0.51 4.04 -4.41
N GLU B 39 -0.08 5.23 -4.28
CA GLU B 39 -0.55 5.73 -3.00
C GLU B 39 -1.87 5.12 -2.60
N PRO B 40 -1.96 4.63 -1.35
CA PRO B 40 -3.22 4.03 -0.92
C PRO B 40 -4.41 5.03 -1.01
N SER B 41 -5.64 4.49 -0.97
CA SER B 41 -6.85 5.30 -1.02
C SER B 41 -7.04 6.05 0.30
N GLN B 42 -7.65 7.24 0.22
CA GLN B 42 -7.87 8.06 1.40
C GLN B 42 -9.10 8.90 1.12
N PHE B 43 -10.09 8.83 2.00
CA PHE B 43 -11.33 9.57 1.82
C PHE B 43 -11.23 11.06 1.46
N GLY B 44 -10.31 11.79 2.08
CA GLY B 44 -10.22 13.22 1.75
C GLY B 44 -9.39 13.63 0.53
N ARG B 45 -8.88 12.65 -0.22
CA ARG B 45 -8.05 12.90 -1.41
C ARG B 45 -8.50 12.07 -2.59
N ASP B 46 -8.26 12.57 -3.79
CA ASP B 46 -8.61 11.87 -5.02
C ASP B 46 -7.34 11.19 -5.51
N ASP B 47 -7.49 10.10 -6.25
CA ASP B 47 -6.33 9.37 -6.75
C ASP B 47 -5.75 10.03 -7.98
N THR B 48 -4.43 10.05 -8.06
CA THR B 48 -3.79 10.61 -9.21
C THR B 48 -3.58 9.46 -10.19
N ALA B 49 -2.44 8.78 -10.05
CA ALA B 49 -2.09 7.69 -10.92
C ALA B 49 -0.94 6.94 -10.30
N LEU B 50 -0.43 5.95 -11.02
CA LEU B 50 0.71 5.15 -10.60
C LEU B 50 1.95 6.05 -10.53
N ASN B 51 2.88 5.69 -9.64
CA ASN B 51 4.14 6.39 -9.49
C ASN B 51 5.31 5.59 -10.05
N GLY B 52 5.09 4.30 -10.24
CA GLY B 52 6.12 3.44 -10.78
C GLY B 52 5.69 2.00 -11.00
N ILE B 53 6.58 1.26 -11.66
CA ILE B 53 6.41 -0.16 -11.97
C ILE B 53 7.78 -0.77 -11.74
N ARG B 54 7.80 -1.93 -11.08
CA ARG B 54 9.04 -2.64 -10.80
C ARG B 54 8.96 -4.03 -11.43
N LEU B 55 10.01 -4.44 -12.13
CA LEU B 55 10.03 -5.79 -12.72
C LEU B 55 10.99 -6.67 -11.93
N ARG B 56 10.61 -7.92 -11.75
CA ARG B 56 11.44 -8.89 -11.06
C ARG B 56 11.98 -9.75 -12.18
N CYS B 57 13.24 -10.12 -12.02
CA CYS B 57 13.92 -10.97 -12.98
C CYS B 57 14.07 -12.38 -12.40
N LEU B 58 14.06 -13.37 -13.28
CA LEU B 58 14.19 -14.75 -12.86
C LEU B 58 15.34 -14.94 -11.88
N ASP B 59 16.46 -14.26 -12.13
CA ASP B 59 17.64 -14.37 -11.28
C ASP B 59 17.44 -13.78 -9.90
N GLY B 60 16.46 -12.90 -9.76
CA GLY B 60 16.22 -12.28 -8.47
C GLY B 60 16.37 -10.77 -8.55
N SER B 61 16.99 -10.31 -9.63
CA SER B 61 17.23 -8.89 -9.87
C SER B 61 15.90 -8.14 -9.95
N VAL B 62 15.84 -6.98 -9.34
CA VAL B 62 14.63 -6.16 -9.32
C VAL B 62 14.92 -4.85 -10.03
N ILE B 63 14.38 -4.70 -11.23
CA ILE B 63 14.61 -3.50 -12.03
C ILE B 63 13.43 -2.58 -12.03
N GLU B 64 13.70 -1.35 -12.42
CA GLU B 64 12.71 -0.30 -12.53
C GLU B 64 13.41 0.67 -13.45
N SER B 65 12.74 1.74 -13.84
CA SER B 65 13.40 2.72 -14.68
C SER B 65 13.23 3.98 -13.83
N LEU B 66 12.48 4.96 -14.32
CA LEU B 66 12.24 6.17 -13.56
C LEU B 66 11.00 5.96 -12.71
N VAL B 67 11.13 6.21 -11.42
CA VAL B 67 10.05 6.04 -10.46
C VAL B 67 9.70 7.42 -9.90
N GLY B 68 8.45 7.57 -9.48
CA GLY B 68 8.02 8.83 -8.89
C GLY B 68 8.24 8.72 -7.40
N LYS B 69 8.18 9.84 -6.70
CA LYS B 69 8.39 9.87 -5.27
C LYS B 69 7.18 9.50 -4.40
N TRP B 70 5.99 9.44 -4.99
CA TRP B 70 4.83 9.16 -4.18
C TRP B 70 4.39 7.70 -4.18
N GLY B 71 3.72 7.30 -3.10
CA GLY B 71 3.23 5.93 -2.94
C GLY B 71 4.15 4.93 -2.26
N THR B 72 3.62 3.71 -2.11
CA THR B 72 4.33 2.56 -1.53
C THR B 72 4.22 1.45 -2.58
N TRP B 73 5.20 0.57 -2.62
CA TRP B 73 5.18 -0.51 -3.60
C TRP B 73 4.29 -1.63 -3.12
N THR B 74 3.58 -2.25 -4.05
CA THR B 74 2.74 -3.40 -3.73
C THR B 74 3.69 -4.59 -3.62
N SER B 75 3.14 -5.75 -3.26
CA SER B 75 3.95 -6.95 -3.20
C SER B 75 4.08 -7.36 -4.66
N PHE B 76 4.98 -8.26 -4.99
CA PHE B 76 5.11 -8.69 -6.38
C PHE B 76 4.05 -9.69 -6.89
N LEU B 77 3.82 -9.65 -8.19
CA LEU B 77 2.90 -10.58 -8.86
C LEU B 77 3.81 -11.34 -9.86
N VAL B 78 4.02 -12.63 -9.58
CA VAL B 78 4.89 -13.49 -10.39
C VAL B 78 4.09 -14.51 -11.20
N CYS B 79 4.61 -14.85 -12.38
CA CYS B 79 4.00 -15.84 -13.26
C CYS B 79 4.11 -17.21 -12.59
N PRO B 80 3.03 -18.04 -12.65
CA PRO B 80 3.08 -19.35 -11.99
C PRO B 80 4.21 -20.25 -12.43
N THR B 81 4.60 -20.15 -13.68
CA THR B 81 5.68 -20.98 -14.17
C THR B 81 6.63 -20.29 -15.15
N GLY B 82 6.15 -19.36 -15.95
CA GLY B 82 7.05 -18.79 -16.93
C GLY B 82 7.55 -17.38 -16.72
N TYR B 83 7.55 -16.65 -17.84
CA TYR B 83 8.01 -15.28 -17.88
C TYR B 83 7.00 -14.31 -18.52
N LEU B 84 7.09 -13.03 -18.17
CA LEU B 84 6.21 -11.99 -18.71
C LEU B 84 6.33 -11.90 -20.23
N VAL B 85 5.18 -11.82 -20.88
CA VAL B 85 5.18 -11.86 -22.33
C VAL B 85 4.39 -10.73 -23.06
N SER B 86 3.38 -10.17 -22.43
CA SER B 86 2.57 -9.18 -23.10
C SER B 86 1.99 -8.29 -22.01
N PHE B 87 1.51 -7.10 -22.38
CA PHE B 87 0.90 -6.24 -21.37
C PHE B 87 -0.24 -5.43 -21.90
N SER B 88 -1.06 -4.92 -20.97
CA SER B 88 -2.21 -4.07 -21.25
C SER B 88 -2.25 -3.03 -20.12
N LEU B 89 -2.50 -1.78 -20.47
CA LEU B 89 -2.52 -0.67 -19.52
C LEU B 89 -3.94 -0.09 -19.28
N ARG B 90 -4.27 0.21 -18.04
CA ARG B 90 -5.58 0.79 -17.73
C ARG B 90 -5.41 2.32 -17.65
N SER B 91 -6.13 3.05 -18.48
CA SER B 91 -6.04 4.51 -18.46
C SER B 91 -7.39 5.17 -18.64
N GLU B 92 -7.49 6.40 -18.19
CA GLU B 92 -8.73 7.16 -18.32
C GLU B 92 -8.59 7.97 -19.61
N LYS B 93 -9.67 8.12 -20.37
CA LYS B 93 -9.63 8.92 -21.59
C LYS B 93 -9.91 10.38 -21.19
N SER B 94 -9.50 11.34 -22.00
CA SER B 94 -9.77 12.73 -21.64
C SER B 94 -10.04 13.66 -22.84
N GLN B 95 -9.48 14.86 -22.81
CA GLN B 95 -9.65 15.84 -23.87
C GLN B 95 -8.32 16.09 -24.59
N GLY B 96 -8.33 17.05 -25.52
CA GLY B 96 -7.12 17.38 -26.25
C GLY B 96 -6.08 18.11 -25.39
N GLY B 97 -6.40 19.33 -24.95
CA GLY B 97 -5.48 20.11 -24.15
C GLY B 97 -5.18 19.55 -22.78
N GLY B 98 -5.90 18.50 -22.40
CA GLY B 98 -5.69 17.90 -21.10
C GLY B 98 -5.50 16.41 -21.26
N ASP B 99 -4.41 16.03 -21.90
CA ASP B 99 -4.09 14.64 -22.14
C ASP B 99 -3.74 13.87 -20.87
N ASP B 100 -4.78 13.55 -20.09
CA ASP B 100 -4.59 12.84 -18.85
C ASP B 100 -4.79 11.34 -19.09
N THR B 101 -3.87 10.78 -19.87
CA THR B 101 -3.91 9.38 -20.20
C THR B 101 -2.96 8.60 -19.28
N ALA B 102 -2.59 9.21 -18.16
CA ALA B 102 -1.69 8.60 -17.19
C ALA B 102 -2.12 7.17 -16.83
N ALA B 103 -1.14 6.26 -16.67
CA ALA B 103 -1.44 4.86 -16.36
C ALA B 103 -2.00 4.65 -14.96
N ASN B 104 -3.05 3.84 -14.85
CA ASN B 104 -3.70 3.53 -13.56
C ASN B 104 -3.51 2.11 -13.04
N ASN B 105 -3.35 1.16 -13.94
CA ASN B 105 -3.13 -0.23 -13.57
C ASN B 105 -2.47 -0.91 -14.73
N ILE B 106 -2.06 -2.13 -14.54
CA ILE B 106 -1.42 -2.83 -15.63
C ILE B 106 -1.64 -4.33 -15.45
N GLN B 107 -1.74 -5.04 -16.57
CA GLN B 107 -1.91 -6.48 -16.51
C GLN B 107 -0.94 -7.12 -17.55
N PHE B 108 -0.32 -8.22 -17.15
CA PHE B 108 0.61 -8.90 -18.02
C PHE B 108 0.12 -10.33 -18.30
N ARG B 109 0.54 -10.86 -19.43
CA ARG B 109 0.22 -12.22 -19.84
C ARG B 109 1.56 -12.92 -19.66
N CYS B 110 1.51 -14.12 -19.09
CA CYS B 110 2.72 -14.93 -18.87
C CYS B 110 2.90 -15.93 -20.00
N SER B 111 4.11 -16.48 -20.16
CA SER B 111 4.34 -17.46 -21.23
C SER B 111 3.45 -18.71 -21.06
N ASP B 112 3.07 -18.99 -19.82
CA ASP B 112 2.21 -20.12 -19.53
C ASP B 112 0.75 -19.78 -19.76
N GLU B 113 0.48 -18.54 -20.23
CA GLU B 113 -0.87 -18.03 -20.52
C GLU B 113 -1.63 -17.47 -19.32
N ALA B 114 -1.00 -17.38 -18.16
CA ALA B 114 -1.66 -16.83 -16.98
C ALA B 114 -1.64 -15.31 -17.16
N VAL B 115 -2.59 -14.61 -16.54
CA VAL B 115 -2.66 -13.14 -16.64
C VAL B 115 -2.62 -12.54 -15.24
N LEU B 116 -1.63 -11.69 -14.96
CA LEU B 116 -1.50 -11.05 -13.65
C LEU B 116 -2.08 -9.65 -13.72
N VAL B 117 -3.13 -9.37 -12.96
CA VAL B 117 -3.73 -8.06 -12.96
C VAL B 117 -3.16 -7.37 -11.73
N GLY B 118 -2.66 -6.15 -11.89
CA GLY B 118 -2.08 -5.44 -10.76
C GLY B 118 -3.05 -4.84 -9.76
N ASP B 119 -2.48 -4.47 -8.62
CA ASP B 119 -3.24 -3.84 -7.54
C ASP B 119 -3.20 -2.28 -7.72
N GLY B 120 -3.44 -1.80 -8.93
CA GLY B 120 -3.41 -0.38 -9.17
C GLY B 120 -4.77 0.23 -8.96
N LEU B 121 -5.05 1.35 -9.64
CA LEU B 121 -6.33 2.04 -9.52
C LEU B 121 -7.44 1.45 -10.40
N SER B 122 -8.66 1.86 -10.09
CA SER B 122 -9.84 1.41 -10.81
C SER B 122 -10.39 2.36 -11.85
N TRP B 123 -9.68 3.45 -12.16
CA TRP B 123 -10.22 4.34 -13.18
C TRP B 123 -9.79 4.05 -14.58
N GLY B 124 -10.63 4.47 -15.53
CA GLY B 124 -10.38 4.21 -16.92
C GLY B 124 -10.77 2.77 -17.19
N ARG B 125 -10.13 2.20 -18.21
CA ARG B 125 -10.38 0.83 -18.63
C ARG B 125 -9.08 0.39 -19.25
N PHE B 126 -8.86 -0.91 -19.44
CA PHE B 126 -7.61 -1.36 -20.06
C PHE B 126 -7.70 -1.20 -21.57
N GLY B 127 -6.55 -1.01 -22.24
CA GLY B 127 -6.52 -0.86 -23.70
C GLY B 127 -6.06 -2.10 -24.49
N PRO B 128 -5.75 -1.94 -25.79
CA PRO B 128 -5.29 -3.05 -26.65
C PRO B 128 -4.11 -3.71 -25.96
N TRP B 129 -3.94 -5.01 -26.16
CA TRP B 129 -2.80 -5.71 -25.57
C TRP B 129 -1.58 -5.41 -26.45
N SER B 130 -0.38 -5.53 -25.91
CA SER B 130 0.81 -5.29 -26.73
C SER B 130 1.05 -6.57 -27.48
N LYS B 131 2.04 -6.56 -28.36
CA LYS B 131 2.42 -7.74 -29.12
C LYS B 131 3.18 -8.60 -28.12
N ARG B 132 3.26 -9.90 -28.36
CA ARG B 132 3.95 -10.81 -27.44
C ARG B 132 5.46 -10.93 -27.66
N CYS B 133 6.18 -11.27 -26.60
CA CYS B 133 7.62 -11.42 -26.68
C CYS B 133 8.14 -11.80 -25.30
N LYS B 134 9.45 -12.03 -25.18
CA LYS B 134 10.05 -12.39 -23.91
C LYS B 134 10.61 -11.07 -23.34
N ILE B 135 10.00 -10.58 -22.25
CA ILE B 135 10.37 -9.30 -21.64
C ILE B 135 11.64 -9.38 -20.82
N CYS B 136 12.57 -8.47 -21.09
CA CYS B 136 13.87 -8.47 -20.39
C CYS B 136 14.32 -7.12 -19.83
N GLY B 137 13.53 -6.07 -20.06
CA GLY B 137 13.86 -4.74 -19.56
C GLY B 137 12.69 -3.79 -19.79
N LEU B 138 12.75 -2.62 -19.18
CA LEU B 138 11.69 -1.62 -19.34
C LEU B 138 12.23 -0.19 -19.34
N GLN B 139 11.40 0.74 -19.80
CA GLN B 139 11.77 2.14 -19.76
C GLN B 139 10.47 2.79 -19.39
N THR B 140 10.49 3.62 -18.35
CA THR B 140 9.26 4.30 -17.93
C THR B 140 9.32 5.77 -18.29
N LYS B 141 8.14 6.35 -18.47
CA LYS B 141 8.03 7.77 -18.79
C LYS B 141 7.21 8.32 -17.64
N VAL B 142 7.83 9.16 -16.82
CA VAL B 142 7.15 9.74 -15.68
C VAL B 142 7.06 11.26 -15.80
N GLU B 143 5.86 11.76 -15.56
CA GLU B 143 5.57 13.19 -15.59
C GLU B 143 5.83 13.78 -14.22
N SER B 144 6.82 14.67 -14.14
CA SER B 144 7.16 15.33 -12.88
C SER B 144 7.42 14.37 -11.69
N PRO B 145 8.43 13.49 -11.82
CA PRO B 145 8.73 12.53 -10.74
C PRO B 145 9.06 13.14 -9.37
N GLN B 146 9.43 14.42 -9.33
CA GLN B 146 9.77 15.08 -8.06
C GLN B 146 8.78 16.17 -7.67
N GLY B 147 7.74 16.35 -8.48
CA GLY B 147 6.76 17.38 -8.22
C GLY B 147 5.80 17.13 -7.11
N LEU B 148 4.67 17.84 -7.16
CA LEU B 148 3.62 17.71 -6.18
C LEU B 148 2.89 16.37 -6.38
N ARG B 149 2.14 15.93 -5.38
CA ARG B 149 1.39 14.68 -5.45
C ARG B 149 0.46 14.64 -6.69
N ASP B 150 -0.19 15.75 -6.96
CA ASP B 150 -1.10 15.79 -8.09
C ASP B 150 -0.38 15.90 -9.44
N ASP B 151 0.93 16.13 -9.45
CA ASP B 151 1.65 16.29 -10.72
C ASP B 151 2.34 15.03 -11.18
N THR B 152 2.95 14.31 -10.24
CA THR B 152 3.67 13.08 -10.55
C THR B 152 2.74 12.02 -11.18
N ALA B 153 3.17 11.41 -12.27
CA ALA B 153 2.37 10.34 -12.85
C ALA B 153 3.20 9.56 -13.84
N LEU B 154 3.09 8.24 -13.75
CA LEU B 154 3.78 7.38 -14.67
C LEU B 154 2.88 7.50 -15.88
N ASN B 155 3.42 7.97 -16.99
CA ASN B 155 2.65 8.15 -18.22
C ASN B 155 2.66 7.00 -19.21
N ASN B 156 3.78 6.28 -19.29
CA ASN B 156 3.91 5.23 -20.28
C ASN B 156 5.05 4.30 -19.91
N VAL B 157 5.07 3.15 -20.59
CA VAL B 157 6.08 2.13 -20.40
C VAL B 157 6.23 1.46 -21.76
N ARG B 158 7.45 1.06 -22.07
CA ARG B 158 7.78 0.34 -23.30
C ARG B 158 8.74 -0.75 -22.81
N PHE B 159 8.44 -2.01 -23.10
CA PHE B 159 9.28 -3.12 -22.64
C PHE B 159 10.21 -3.66 -23.72
N PHE B 160 11.34 -4.23 -23.30
CA PHE B 160 12.32 -4.75 -24.23
C PHE B 160 12.35 -6.27 -24.35
N CYS B 161 12.14 -6.71 -25.57
CA CYS B 161 12.09 -8.10 -25.95
C CYS B 161 13.44 -8.68 -26.25
N CYS B 162 13.80 -9.78 -25.59
CA CYS B 162 15.09 -10.42 -25.83
C CYS B 162 14.91 -11.73 -26.57
N LYS B 163 15.98 -12.19 -27.22
CA LYS B 163 15.94 -13.47 -27.95
C LYS B 163 15.97 -14.60 -26.94
#